data_4OJV
#
_entry.id   4OJV
#
_cell.length_a   73.478
_cell.length_b   85.151
_cell.length_c   130.565
_cell.angle_alpha   90.00
_cell.angle_beta   90.00
_cell.angle_gamma   90.00
#
_symmetry.space_group_name_H-M   'C 2 2 21'
#
loop_
_entity.id
_entity.type
_entity.pdbx_description
1 polymer "3',5'-cyclic-nucleotide phosphodiesterase 1"
2 non-polymer 'SULFATE ION'
3 non-polymer (4S)-2-METHYL-2,4-PENTANEDIOL
4 non-polymer 'ZINC ION'
5 water water
#
_entity_poly.entity_id   1
_entity_poly.type   'polypeptide(L)'
_entity_poly.pdbx_seq_one_letter_code
;MVVFEITILGANGGPTEYGTQCFILKPARTEDPELIAVDGGAGMYQLREMLVQGRNENEGDDELVPSFYEHDREPIEFFI
DSKLNIQKGLSKSLLQSLKRQGEHFESANTMKKTYEVFQGITDYYITHPHLDHISGLVVNSPSIYEQENSKKKTIWGLPH
TIDVLQKHVFNDLIWPDLTAERSRKLKLKCLNPKEVQKCTIFPWDVIPFKVHHGIGVKTGAPVYSTFYIFRDRKSKDCII
VCGDVEQDRRESEESLLEEFWSYVAENIPLVHLKGILVECSCPLSSKPEQLYGHLSPIYLINELSNLNTLYNSSKGLSGL
NVIVTHVKSTPAKRDPRLTILEELRFLAEERNLGDLRISIALEGHTLFL
;
_entity_poly.pdbx_strand_id   A
#
loop_
_chem_comp.id
_chem_comp.type
_chem_comp.name
_chem_comp.formula
MPD non-polymer (4S)-2-METHYL-2,4-PENTANEDIOL 'C6 H14 O2'
SO4 non-polymer 'SULFATE ION' 'O4 S -2'
ZN non-polymer 'ZINC ION' 'Zn 2'
#
# COMPACT_ATOMS: atom_id res chain seq x y z
N MET A 1 -8.07 -15.51 13.90
CA MET A 1 -7.90 -14.06 14.24
C MET A 1 -7.54 -13.22 13.01
N VAL A 2 -6.79 -13.81 12.08
CA VAL A 2 -6.43 -13.13 10.83
C VAL A 2 -7.65 -12.88 9.96
N VAL A 3 -7.77 -11.64 9.51
CA VAL A 3 -8.91 -11.17 8.72
C VAL A 3 -8.49 -10.76 7.31
N PHE A 4 -7.26 -10.22 7.18
CA PHE A 4 -6.79 -9.66 5.91
C PHE A 4 -5.58 -10.39 5.37
N GLU A 5 -5.54 -10.56 4.05
CA GLU A 5 -4.32 -10.95 3.35
C GLU A 5 -3.86 -9.78 2.50
N ILE A 6 -2.61 -9.36 2.70
CA ILE A 6 -2.05 -8.23 1.96
C ILE A 6 -0.87 -8.71 1.15
N THR A 7 -0.99 -8.66 -0.18
CA THR A 7 0.13 -9.02 -1.05
C THR A 7 0.91 -7.75 -1.37
N ILE A 8 2.19 -7.74 -1.03
CA ILE A 8 3.04 -6.59 -1.31
C ILE A 8 3.60 -6.74 -2.73
N LEU A 9 3.00 -6.05 -3.69
CA LEU A 9 3.54 -6.08 -5.05
C LEU A 9 4.71 -5.12 -5.21
N GLY A 10 4.62 -3.97 -4.56
CA GLY A 10 5.67 -2.97 -4.65
C GLY A 10 5.71 -2.11 -3.41
N ALA A 11 6.91 -1.92 -2.88
CA ALA A 11 7.12 -1.09 -1.70
C ALA A 11 8.31 -0.15 -1.87
N ASN A 12 8.76 0.02 -3.12
CA ASN A 12 9.91 0.84 -3.45
C ASN A 12 9.51 2.31 -3.56
N GLY A 13 10.21 3.20 -2.86
CA GLY A 13 9.95 4.64 -2.93
C GLY A 13 10.61 5.38 -4.07
N GLY A 14 11.43 4.68 -4.86
CA GLY A 14 12.24 5.29 -5.92
C GLY A 14 13.64 5.58 -5.40
N PRO A 15 14.55 6.03 -6.28
CA PRO A 15 14.28 6.40 -7.66
C PRO A 15 14.36 5.28 -8.67
N THR A 16 14.76 4.06 -8.28
CA THR A 16 14.64 2.95 -9.24
C THR A 16 13.14 2.75 -9.52
N GLU A 17 12.84 2.29 -10.72
CA GLU A 17 11.51 2.48 -11.29
C GLU A 17 10.58 1.26 -11.22
N TYR A 18 11.08 0.11 -10.81
CA TYR A 18 10.25 -1.10 -10.72
C TYR A 18 9.88 -1.37 -9.27
N GLY A 19 8.74 -2.02 -9.07
CA GLY A 19 8.31 -2.39 -7.75
C GLY A 19 7.85 -1.22 -6.91
N THR A 20 7.34 -0.16 -7.55
CA THR A 20 6.82 0.98 -6.82
C THR A 20 5.42 0.66 -6.25
N GLN A 21 4.88 1.57 -5.46
CA GLN A 21 3.86 1.23 -4.49
C GLN A 21 2.60 0.59 -5.04
N CYS A 22 2.30 -0.62 -4.56
CA CYS A 22 1.03 -1.29 -4.84
C CYS A 22 0.84 -2.45 -3.87
N PHE A 23 -0.33 -2.50 -3.22
CA PHE A 23 -0.66 -3.57 -2.28
C PHE A 23 -1.98 -4.19 -2.72
N ILE A 24 -2.05 -5.52 -2.77
CA ILE A 24 -3.29 -6.23 -3.07
C ILE A 24 -3.93 -6.68 -1.75
N LEU A 25 -5.25 -6.52 -1.65
CA LEU A 25 -5.99 -6.92 -0.45
C LEU A 25 -7.08 -7.92 -0.81
N LYS A 26 -7.27 -8.90 0.07
CA LYS A 26 -8.43 -9.77 0.02
C LYS A 26 -8.73 -10.29 1.43
N PRO A 27 -9.95 -10.79 1.65
CA PRO A 27 -10.23 -11.45 2.93
C PRO A 27 -9.34 -12.68 3.10
N ALA A 28 -8.96 -12.97 4.34
CA ALA A 28 -8.20 -14.17 4.61
C ALA A 28 -8.98 -15.43 4.25
N ARG A 29 -8.26 -16.43 3.75
CA ARG A 29 -8.73 -17.81 3.58
C ARG A 29 -9.66 -18.08 2.39
N THR A 30 -10.49 -17.11 2.03
CA THR A 30 -11.50 -17.33 0.98
C THR A 30 -10.88 -17.37 -0.41
N GLU A 31 -11.57 -17.97 -1.37
CA GLU A 31 -10.93 -18.29 -2.66
C GLU A 31 -11.57 -17.63 -3.87
N ASP A 32 -12.29 -16.54 -3.65
CA ASP A 32 -12.81 -15.75 -4.76
C ASP A 32 -11.65 -15.20 -5.58
N PRO A 33 -11.88 -14.99 -6.89
CA PRO A 33 -10.83 -14.38 -7.72
C PRO A 33 -10.70 -12.87 -7.52
N GLU A 34 -11.70 -12.23 -6.92
CA GLU A 34 -11.70 -10.78 -6.81
C GLU A 34 -10.65 -10.28 -5.84
N LEU A 35 -10.03 -9.17 -6.23
CA LEU A 35 -8.95 -8.55 -5.49
C LEU A 35 -9.10 -7.03 -5.52
N ILE A 36 -8.69 -6.37 -4.44
CA ILE A 36 -8.57 -4.91 -4.39
C ILE A 36 -7.09 -4.54 -4.49
N ALA A 37 -6.78 -3.47 -5.21
CA ALA A 37 -5.44 -2.89 -5.18
C ALA A 37 -5.47 -1.54 -4.46
N VAL A 38 -4.49 -1.30 -3.59
CA VAL A 38 -4.24 0.04 -3.10
C VAL A 38 -3.00 0.54 -3.81
N ASP A 39 -3.18 1.66 -4.51
CA ASP A 39 -2.20 2.18 -5.44
C ASP A 39 -1.94 1.25 -6.62
N GLY A 40 -1.07 1.69 -7.52
CA GLY A 40 -1.00 1.12 -8.85
C GLY A 40 0.37 1.22 -9.45
N GLY A 41 1.40 1.11 -8.62
CA GLY A 41 2.77 0.96 -9.10
C GLY A 41 2.95 -0.47 -9.63
N ALA A 42 3.70 -1.32 -8.92
CA ALA A 42 3.88 -2.73 -9.33
C ALA A 42 2.55 -3.46 -9.54
N GLY A 43 2.41 -4.21 -10.64
CA GLY A 43 1.15 -4.88 -11.02
C GLY A 43 1.35 -6.26 -11.67
N MET A 44 0.92 -6.43 -12.93
CA MET A 44 1.01 -7.72 -13.63
C MET A 44 2.40 -8.32 -13.60
N TYR A 45 3.42 -7.50 -13.83
CA TYR A 45 4.78 -8.00 -13.89
C TYR A 45 5.14 -8.69 -12.58
N GLN A 46 4.75 -8.08 -11.47
CA GLN A 46 5.09 -8.62 -10.17
C GLN A 46 4.26 -9.85 -9.82
N LEU A 47 2.98 -9.85 -10.19
CA LEU A 47 2.16 -11.05 -10.05
C LEU A 47 2.80 -12.23 -10.77
N ARG A 48 3.30 -11.98 -11.98
CA ARG A 48 3.94 -13.03 -12.75
C ARG A 48 5.18 -13.59 -12.03
N GLU A 49 6.00 -12.69 -11.48
CA GLU A 49 7.20 -13.10 -10.73
C GLU A 49 6.83 -14.00 -9.57
N MET A 50 5.76 -13.63 -8.87
CA MET A 50 5.34 -14.37 -7.69
C MET A 50 4.78 -15.74 -8.07
N LEU A 51 4.17 -15.83 -9.25
CA LEU A 51 3.70 -17.10 -9.80
C LEU A 51 4.86 -18.05 -10.18
N VAL A 52 6.02 -17.49 -10.52
CA VAL A 52 7.20 -18.31 -10.87
C VAL A 52 8.05 -18.67 -9.65
N GLN A 53 8.32 -17.68 -8.80
CA GLN A 53 9.19 -17.88 -7.63
C GLN A 53 8.59 -18.85 -6.61
N GLY A 54 7.26 -18.94 -6.57
CA GLY A 54 6.57 -19.88 -5.71
C GLY A 54 6.59 -21.29 -6.27
N ASP A 61 12.61 -22.29 5.57
CA ASP A 61 13.64 -22.00 4.52
C ASP A 61 14.51 -20.81 4.87
N ASP A 62 15.74 -20.80 4.36
CA ASP A 62 16.68 -19.72 4.58
C ASP A 62 16.50 -18.63 3.52
N GLU A 63 15.33 -18.01 3.51
CA GLU A 63 14.97 -17.08 2.44
C GLU A 63 15.84 -15.82 2.40
N LEU A 64 16.33 -15.48 1.22
CA LEU A 64 17.06 -14.24 0.98
C LEU A 64 16.24 -13.33 0.09
N VAL A 65 16.29 -12.03 0.36
CA VAL A 65 15.55 -11.05 -0.44
C VAL A 65 16.53 -10.07 -1.09
N PRO A 66 16.14 -9.46 -2.23
CA PRO A 66 17.06 -8.49 -2.85
C PRO A 66 17.37 -7.30 -1.93
N SER A 67 18.61 -6.81 -2.02
CA SER A 67 19.05 -5.67 -1.24
C SER A 67 19.91 -4.71 -2.08
N PHE A 68 21.09 -5.18 -2.48
CA PHE A 68 22.05 -4.47 -3.35
C PHE A 68 22.96 -3.47 -2.63
N TYR A 69 23.08 -3.63 -1.32
CA TYR A 69 23.96 -2.78 -0.53
C TYR A 69 25.14 -3.62 -0.01
N GLU A 70 25.26 -3.83 1.29
CA GLU A 70 26.33 -4.68 1.80
C GLU A 70 26.34 -6.05 1.11
N HIS A 71 25.15 -6.58 0.81
CA HIS A 71 25.03 -7.79 -0.01
C HIS A 71 23.95 -7.59 -1.04
N ASP A 72 24.06 -8.30 -2.15
CA ASP A 72 23.01 -8.24 -3.15
C ASP A 72 21.72 -8.90 -2.66
N ARG A 73 21.82 -9.87 -1.77
CA ARG A 73 20.67 -10.51 -1.15
C ARG A 73 20.90 -10.62 0.36
N GLU A 74 19.83 -10.43 1.13
CA GLU A 74 19.88 -10.44 2.59
C GLU A 74 18.82 -11.34 3.19
N PRO A 75 19.12 -11.97 4.34
CA PRO A 75 18.12 -12.75 5.06
C PRO A 75 16.83 -11.98 5.31
N ILE A 76 15.70 -12.61 4.99
CA ILE A 76 14.39 -11.99 5.15
C ILE A 76 14.15 -11.50 6.59
N GLU A 77 14.57 -12.30 7.57
CA GLU A 77 14.26 -12.00 8.96
C GLU A 77 14.87 -10.70 9.46
N PHE A 78 15.91 -10.21 8.78
CA PHE A 78 16.54 -8.95 9.15
C PHE A 78 15.59 -7.76 8.98
N PHE A 79 14.57 -7.90 8.13
CA PHE A 79 13.71 -6.78 7.74
C PHE A 79 12.39 -6.73 8.49
N ILE A 80 12.11 -7.75 9.29
CA ILE A 80 10.76 -7.92 9.85
C ILE A 80 10.78 -8.17 11.35
N ASP A 81 9.67 -7.86 12.00
CA ASP A 81 9.45 -8.24 13.38
C ASP A 81 9.31 -9.75 13.44
N SER A 82 9.86 -10.37 14.48
CA SER A 82 9.87 -11.83 14.58
C SER A 82 8.50 -12.48 14.69
N LYS A 83 7.48 -11.69 15.05
CA LYS A 83 6.12 -12.22 15.20
C LYS A 83 5.24 -12.01 13.97
N LEU A 84 5.78 -11.39 12.94
CA LEU A 84 4.99 -11.09 11.75
C LEU A 84 4.59 -12.35 11.00
N ASN A 85 3.30 -12.45 10.71
CA ASN A 85 2.77 -13.55 9.93
C ASN A 85 2.93 -13.21 8.44
N ILE A 86 3.97 -13.77 7.84
CA ILE A 86 4.36 -13.46 6.47
C ILE A 86 4.72 -14.73 5.73
N GLN A 87 4.42 -14.78 4.44
CA GLN A 87 4.83 -15.88 3.60
C GLN A 87 5.34 -15.35 2.28
N LYS A 88 6.28 -16.07 1.67
CA LYS A 88 6.72 -15.75 0.33
C LYS A 88 5.66 -16.19 -0.66
N GLY A 89 5.45 -15.36 -1.68
CA GLY A 89 4.54 -15.69 -2.76
C GLY A 89 3.10 -15.35 -2.48
N LEU A 90 2.22 -15.75 -3.40
CA LEU A 90 0.79 -15.56 -3.27
C LEU A 90 0.24 -16.58 -2.29
N SER A 91 -0.85 -16.22 -1.62
CA SER A 91 -1.43 -17.09 -0.61
C SER A 91 -2.06 -18.31 -1.25
N LYS A 92 -2.16 -19.37 -0.47
CA LYS A 92 -2.81 -20.59 -0.93
C LYS A 92 -4.22 -20.30 -1.44
N SER A 93 -4.96 -19.46 -0.73
CA SER A 93 -6.35 -19.22 -1.12
C SER A 93 -6.46 -18.38 -2.39
N LEU A 94 -5.56 -17.40 -2.56
CA LEU A 94 -5.50 -16.63 -3.82
C LEU A 94 -5.19 -17.58 -4.99
N LEU A 95 -4.23 -18.47 -4.79
CA LEU A 95 -3.87 -19.45 -5.83
C LEU A 95 -4.99 -20.45 -6.13
N GLN A 96 -5.80 -20.77 -5.13
CA GLN A 96 -6.91 -21.72 -5.29
C GLN A 96 -7.92 -21.27 -6.33
N SER A 97 -8.08 -19.96 -6.52
CA SER A 97 -9.00 -19.44 -7.54
C SER A 97 -8.60 -19.84 -8.96
N LEU A 98 -7.31 -20.12 -9.16
CA LEU A 98 -6.80 -20.69 -10.41
C LEU A 98 -6.95 -22.21 -10.44
N LYS A 99 -6.85 -22.84 -9.27
CA LYS A 99 -6.88 -24.30 -9.15
C LYS A 99 -8.29 -24.88 -9.07
N ARG A 100 -9.30 -24.04 -9.28
CA ARG A 100 -10.70 -24.50 -9.34
C ARG A 100 -10.94 -25.41 -10.54
N GLN A 101 -10.09 -25.25 -11.55
CA GLN A 101 -10.06 -26.15 -12.70
C GLN A 101 -8.70 -26.84 -12.71
N GLY A 102 -8.70 -28.13 -12.41
CA GLY A 102 -7.47 -28.91 -12.28
C GLY A 102 -6.62 -28.94 -13.54
N GLU A 103 -7.18 -29.49 -14.62
CA GLU A 103 -6.51 -29.60 -15.91
C GLU A 103 -6.09 -28.23 -16.44
N HIS A 104 -7.01 -27.28 -16.38
CA HIS A 104 -6.80 -25.93 -16.91
C HIS A 104 -5.62 -25.24 -16.28
N PHE A 105 -5.53 -25.34 -14.95
CA PHE A 105 -4.42 -24.74 -14.20
C PHE A 105 -3.07 -25.27 -14.66
N GLU A 106 -3.01 -26.59 -14.86
CA GLU A 106 -1.77 -27.26 -15.26
C GLU A 106 -1.38 -26.93 -16.69
N SER A 107 -2.38 -26.79 -17.56
CA SER A 107 -2.15 -26.49 -18.96
C SER A 107 -1.76 -25.02 -19.16
N ALA A 108 -2.21 -24.14 -18.26
CA ALA A 108 -1.99 -22.70 -18.42
C ALA A 108 -0.54 -22.33 -18.14
N ASN A 109 0.09 -21.64 -19.07
CA ASN A 109 1.46 -21.19 -18.85
C ASN A 109 1.50 -20.00 -17.90
N THR A 110 2.70 -19.59 -17.51
CA THR A 110 2.84 -18.53 -16.51
C THR A 110 2.19 -17.22 -16.97
N MET A 111 2.35 -16.89 -18.24
CA MET A 111 1.72 -15.69 -18.79
C MET A 111 0.19 -15.73 -18.69
N LYS A 112 -0.39 -16.88 -19.05
CA LYS A 112 -1.83 -17.05 -18.97
C LYS A 112 -2.34 -16.95 -17.54
N LYS A 113 -1.62 -17.59 -16.60
CA LYS A 113 -1.98 -17.49 -15.19
C LYS A 113 -1.97 -16.04 -14.71
N THR A 114 -1.00 -15.27 -15.21
CA THR A 114 -0.87 -13.86 -14.86
C THR A 114 -2.08 -13.07 -15.33
N TYR A 115 -2.46 -13.22 -16.60
CA TYR A 115 -3.69 -12.61 -17.09
C TYR A 115 -4.91 -13.00 -16.24
N GLU A 116 -5.03 -14.29 -15.89
CA GLU A 116 -6.18 -14.76 -15.14
C GLU A 116 -6.24 -14.13 -13.73
N VAL A 117 -5.13 -14.18 -13.00
CA VAL A 117 -5.11 -13.56 -11.66
C VAL A 117 -5.42 -12.08 -11.78
N PHE A 118 -4.80 -11.43 -12.77
CA PHE A 118 -4.93 -10.00 -12.89
C PHE A 118 -6.35 -9.53 -13.26
N GLN A 119 -7.08 -10.37 -13.99
CA GLN A 119 -8.48 -10.02 -14.30
C GLN A 119 -9.33 -9.84 -13.04
N GLY A 120 -8.91 -10.49 -11.95
CA GLY A 120 -9.61 -10.39 -10.68
C GLY A 120 -9.42 -9.08 -9.94
N ILE A 121 -8.43 -8.27 -10.31
CA ILE A 121 -8.32 -6.95 -9.70
C ILE A 121 -9.49 -6.05 -10.16
N THR A 122 -10.51 -5.91 -9.31
CA THR A 122 -11.77 -5.23 -9.64
C THR A 122 -11.68 -3.72 -9.45
N ASP A 123 -10.92 -3.32 -8.45
CA ASP A 123 -10.98 -1.96 -7.91
C ASP A 123 -9.59 -1.55 -7.46
N TYR A 124 -9.18 -0.35 -7.84
CA TYR A 124 -7.98 0.29 -7.32
C TYR A 124 -8.40 1.46 -6.44
N TYR A 125 -7.72 1.62 -5.30
CA TYR A 125 -7.88 2.80 -4.46
C TYR A 125 -6.56 3.54 -4.51
N ILE A 126 -6.54 4.66 -5.23
CA ILE A 126 -5.30 5.38 -5.51
C ILE A 126 -5.14 6.50 -4.50
N THR A 127 -3.93 6.62 -3.95
CA THR A 127 -3.69 7.62 -2.90
C THR A 127 -3.37 9.00 -3.45
N HIS A 128 -2.60 9.03 -4.53
CA HIS A 128 -2.26 10.26 -5.23
C HIS A 128 -1.72 9.89 -6.59
N PRO A 129 -1.72 10.85 -7.54
CA PRO A 129 -1.45 10.50 -8.94
C PRO A 129 0.01 10.65 -9.36
N HIS A 130 0.95 10.74 -8.41
CA HIS A 130 2.36 10.67 -8.80
C HIS A 130 2.62 9.40 -9.56
N LEU A 131 3.46 9.51 -10.58
CA LEU A 131 3.62 8.43 -11.54
C LEU A 131 3.99 7.06 -10.91
N ASP A 132 4.80 7.07 -9.84
CA ASP A 132 5.19 5.83 -9.17
C ASP A 132 4.02 5.09 -8.53
N HIS A 133 2.88 5.76 -8.37
CA HIS A 133 1.70 5.14 -7.77
C HIS A 133 0.67 4.74 -8.78
N ILE A 134 0.96 4.96 -10.06
CA ILE A 134 -0.01 4.65 -11.12
C ILE A 134 0.57 3.97 -12.36
N SER A 135 1.89 3.79 -12.42
CA SER A 135 2.52 3.31 -13.65
C SER A 135 2.06 1.91 -14.07
N GLY A 136 1.91 0.99 -13.11
CA GLY A 136 1.42 -0.34 -13.40
C GLY A 136 -0.05 -0.35 -13.76
N LEU A 137 -0.87 0.37 -13.00
CA LEU A 137 -2.27 0.54 -13.34
C LEU A 137 -2.40 0.96 -14.82
N VAL A 138 -1.63 1.96 -15.22
CA VAL A 138 -1.74 2.47 -16.57
C VAL A 138 -1.25 1.47 -17.61
N VAL A 139 -0.01 1.02 -17.47
CA VAL A 139 0.54 0.16 -18.53
C VAL A 139 -0.22 -1.18 -18.60
N ASN A 140 -0.71 -1.68 -17.46
CA ASN A 140 -1.46 -2.94 -17.43
C ASN A 140 -2.86 -2.81 -18.02
N SER A 141 -3.39 -1.58 -18.08
CA SER A 141 -4.82 -1.39 -18.38
C SER A 141 -5.34 -1.99 -19.70
N PRO A 142 -4.53 -2.05 -20.77
CA PRO A 142 -5.09 -2.63 -22.01
C PRO A 142 -5.44 -4.12 -21.88
N SER A 143 -4.95 -4.79 -20.83
CA SER A 143 -5.34 -6.18 -20.58
C SER A 143 -6.85 -6.34 -20.44
N ILE A 144 -7.54 -5.27 -20.05
CA ILE A 144 -8.99 -5.32 -19.86
C ILE A 144 -9.71 -5.67 -21.18
N TYR A 145 -9.06 -5.45 -22.32
CA TYR A 145 -9.68 -5.68 -23.64
C TYR A 145 -9.35 -7.03 -24.28
N GLU A 146 -8.76 -7.92 -23.50
CA GLU A 146 -8.44 -9.25 -24.01
C GLU A 146 -9.64 -10.15 -24.35
N GLN A 147 -10.82 -9.80 -23.86
CA GLN A 147 -12.02 -10.64 -24.03
C GLN A 147 -13.33 -9.85 -24.12
N GLU A 148 -14.33 -10.46 -24.76
CA GLU A 148 -15.64 -9.84 -24.93
C GLU A 148 -16.42 -9.84 -23.61
N ASN A 149 -16.67 -11.02 -23.05
CA ASN A 149 -17.23 -11.17 -21.71
C ASN A 149 -16.18 -10.75 -20.68
N SER A 150 -16.23 -9.48 -20.29
CA SER A 150 -15.11 -8.83 -19.64
C SER A 150 -15.36 -8.39 -18.20
N LYS A 151 -14.41 -8.72 -17.34
CA LYS A 151 -14.37 -8.17 -15.98
C LYS A 151 -13.90 -6.71 -16.08
N LYS A 152 -14.68 -5.81 -15.49
CA LYS A 152 -14.42 -4.36 -15.60
C LYS A 152 -13.66 -3.86 -14.37
N LYS A 153 -12.85 -2.83 -14.57
CA LYS A 153 -12.07 -2.22 -13.49
C LYS A 153 -12.50 -0.79 -13.17
N THR A 154 -12.46 -0.47 -11.89
CA THR A 154 -12.79 0.86 -11.41
C THR A 154 -11.61 1.42 -10.63
N ILE A 155 -11.26 2.67 -10.90
CA ILE A 155 -10.21 3.40 -10.21
C ILE A 155 -10.90 4.42 -9.32
N TRP A 156 -10.71 4.27 -8.01
CA TRP A 156 -11.30 5.16 -7.01
C TRP A 156 -10.27 6.08 -6.44
N GLY A 157 -10.70 7.28 -6.05
CA GLY A 157 -9.82 8.21 -5.37
C GLY A 157 -10.57 9.43 -4.92
N LEU A 158 -9.93 10.24 -4.10
CA LEU A 158 -10.42 11.58 -3.81
C LEU A 158 -10.28 12.44 -5.08
N PRO A 159 -11.00 13.58 -5.13
CA PRO A 159 -10.91 14.42 -6.34
C PRO A 159 -9.49 14.85 -6.74
N HIS A 160 -8.60 15.11 -5.78
CA HIS A 160 -7.24 15.54 -6.14
C HIS A 160 -6.50 14.50 -6.97
N THR A 161 -6.93 13.25 -6.84
CA THR A 161 -6.39 12.15 -7.63
C THR A 161 -7.17 11.97 -8.92
N ILE A 162 -8.49 11.83 -8.82
CA ILE A 162 -9.29 11.48 -9.99
C ILE A 162 -9.23 12.56 -11.08
N ASP A 163 -9.30 13.82 -10.67
CA ASP A 163 -9.28 14.92 -11.63
C ASP A 163 -7.96 14.92 -12.41
N VAL A 164 -6.86 14.62 -11.72
CA VAL A 164 -5.55 14.57 -12.36
C VAL A 164 -5.46 13.38 -13.32
N LEU A 165 -5.98 12.22 -12.92
CA LEU A 165 -5.95 11.07 -13.82
C LEU A 165 -6.73 11.36 -15.11
N GLN A 166 -7.88 12.02 -14.97
CA GLN A 166 -8.71 12.32 -16.13
C GLN A 166 -7.99 13.30 -17.06
N LYS A 167 -7.42 14.35 -16.50
CA LYS A 167 -6.84 15.43 -17.30
C LYS A 167 -5.45 15.10 -17.86
N HIS A 168 -4.65 14.41 -17.05
CA HIS A 168 -3.22 14.29 -17.33
C HIS A 168 -2.75 12.92 -17.72
N VAL A 169 -3.57 11.89 -17.53
CA VAL A 169 -3.16 10.51 -17.82
C VAL A 169 -4.01 9.91 -18.94
N PHE A 170 -5.30 9.73 -18.68
CA PHE A 170 -6.19 9.10 -19.65
C PHE A 170 -6.72 10.18 -20.58
N ASN A 171 -5.81 10.70 -21.42
CA ASN A 171 -6.08 11.93 -22.16
C ASN A 171 -5.62 11.85 -23.62
N ASP A 172 -5.36 10.64 -24.11
CA ASP A 172 -4.92 10.39 -25.48
C ASP A 172 -3.55 10.95 -25.83
N LEU A 173 -2.81 11.39 -24.81
CA LEU A 173 -1.47 11.93 -24.97
C LEU A 173 -0.46 11.10 -24.15
N ILE A 174 -0.69 11.05 -22.84
CA ILE A 174 0.10 10.21 -21.93
C ILE A 174 -0.35 8.74 -22.02
N TRP A 175 -1.64 8.54 -22.28
CA TRP A 175 -2.19 7.20 -22.45
C TRP A 175 -3.47 7.29 -23.23
N PRO A 176 -3.80 6.27 -24.05
CA PRO A 176 -5.12 6.30 -24.67
C PRO A 176 -6.20 6.46 -23.62
N ASP A 177 -7.23 7.25 -23.94
CA ASP A 177 -8.27 7.53 -22.97
C ASP A 177 -9.26 6.36 -22.92
N LEU A 178 -8.88 5.33 -22.17
CA LEU A 178 -9.68 4.13 -22.07
C LEU A 178 -11.00 4.39 -21.37
N THR A 179 -11.07 5.45 -20.57
CA THR A 179 -12.34 5.80 -19.91
C THR A 179 -13.41 6.27 -20.90
N ALA A 180 -12.99 6.72 -22.09
CA ALA A 180 -13.91 7.18 -23.14
C ALA A 180 -14.47 6.06 -24.01
N GLU A 181 -13.86 4.87 -23.93
CA GLU A 181 -14.31 3.73 -24.72
C GLU A 181 -15.71 3.30 -24.23
N ARG A 182 -16.62 3.08 -25.17
CA ARG A 182 -18.05 2.94 -24.85
C ARG A 182 -18.42 1.77 -23.94
N SER A 183 -17.59 0.73 -23.89
CA SER A 183 -17.88 -0.42 -23.05
C SER A 183 -17.67 -0.15 -21.56
N ARG A 184 -17.03 0.98 -21.25
CA ARG A 184 -16.80 1.42 -19.87
C ARG A 184 -16.12 0.34 -19.02
N LYS A 185 -15.19 -0.36 -19.64
CA LYS A 185 -14.43 -1.42 -18.96
C LYS A 185 -13.40 -0.85 -17.98
N LEU A 186 -13.05 0.43 -18.13
CA LEU A 186 -12.25 1.16 -17.17
C LEU A 186 -12.99 2.42 -16.78
N LYS A 187 -13.24 2.59 -15.49
CA LYS A 187 -13.99 3.74 -14.97
C LYS A 187 -13.20 4.47 -13.90
N LEU A 188 -13.36 5.79 -13.84
CA LEU A 188 -12.83 6.63 -12.76
C LEU A 188 -13.99 7.06 -11.87
N LYS A 189 -13.87 6.86 -10.57
CA LYS A 189 -14.93 7.24 -9.64
C LYS A 189 -14.36 7.95 -8.42
N CYS A 190 -15.02 9.04 -8.03
CA CYS A 190 -14.60 9.81 -6.86
C CYS A 190 -15.20 9.26 -5.57
N LEU A 191 -14.44 9.45 -4.50
CA LEU A 191 -14.87 9.19 -3.14
C LEU A 191 -14.96 10.52 -2.40
N ASN A 192 -15.85 10.56 -1.40
CA ASN A 192 -15.94 11.70 -0.50
C ASN A 192 -15.02 11.47 0.70
N PRO A 193 -14.27 12.52 1.10
CA PRO A 193 -13.37 12.36 2.24
C PRO A 193 -14.14 12.16 3.55
N LYS A 194 -13.57 11.33 4.43
CA LYS A 194 -14.08 11.08 5.78
C LYS A 194 -15.39 10.28 5.83
N GLU A 195 -15.88 9.86 4.67
CA GLU A 195 -17.18 9.18 4.57
C GLU A 195 -16.98 7.68 4.46
N VAL A 196 -17.77 6.94 5.22
CA VAL A 196 -17.76 5.48 5.18
C VAL A 196 -18.44 5.05 3.89
N GLN A 197 -17.64 4.47 3.00
CA GLN A 197 -18.14 4.02 1.73
C GLN A 197 -17.98 2.50 1.64
N LYS A 198 -18.68 1.85 0.72
CA LYS A 198 -18.67 0.39 0.69
C LYS A 198 -17.78 -0.14 -0.42
N CYS A 199 -17.03 -1.20 -0.10
CA CYS A 199 -16.32 -1.94 -1.14
C CYS A 199 -17.34 -2.71 -1.97
N THR A 200 -16.98 -3.01 -3.21
CA THR A 200 -17.93 -3.55 -4.20
C THR A 200 -18.19 -5.05 -4.03
N ILE A 201 -17.17 -5.82 -3.64
CA ILE A 201 -17.35 -7.27 -3.52
C ILE A 201 -17.18 -7.74 -2.08
N PHE A 202 -16.11 -7.29 -1.42
CA PHE A 202 -15.85 -7.74 -0.07
C PHE A 202 -16.78 -6.99 0.89
N PRO A 203 -17.16 -7.65 1.99
CA PRO A 203 -18.06 -7.03 2.99
C PRO A 203 -17.28 -6.07 3.89
N TRP A 204 -16.67 -5.07 3.25
CA TRP A 204 -15.79 -4.12 3.90
C TRP A 204 -16.23 -2.71 3.69
N ASP A 205 -15.95 -1.87 4.68
CA ASP A 205 -16.04 -0.42 4.52
C ASP A 205 -14.69 0.12 4.07
N VAL A 206 -14.72 1.17 3.27
CA VAL A 206 -13.53 1.95 2.93
C VAL A 206 -13.76 3.40 3.32
N ILE A 207 -12.80 3.96 4.05
CA ILE A 207 -12.92 5.32 4.57
C ILE A 207 -11.65 6.09 4.21
N PRO A 208 -11.75 7.05 3.27
CA PRO A 208 -10.57 7.79 2.82
C PRO A 208 -10.40 9.14 3.53
N PHE A 209 -9.15 9.50 3.81
CA PHE A 209 -8.81 10.75 4.47
C PHE A 209 -7.69 11.43 3.71
N LYS A 210 -7.82 12.73 3.51
CA LYS A 210 -6.81 13.50 2.82
C LYS A 210 -5.66 13.84 3.77
N VAL A 211 -4.43 13.79 3.26
CA VAL A 211 -3.23 14.16 4.01
C VAL A 211 -2.33 15.03 3.13
N HIS A 212 -1.31 15.63 3.75
CA HIS A 212 -0.33 16.44 3.01
C HIS A 212 0.84 15.64 2.50
N HIS A 213 1.34 16.02 1.33
CA HIS A 213 2.46 15.35 0.67
C HIS A 213 3.31 16.36 -0.09
N GLY A 214 3.62 17.47 0.59
CA GLY A 214 4.54 18.46 0.05
C GLY A 214 3.85 19.53 -0.76
N ILE A 215 4.63 20.21 -1.59
CA ILE A 215 4.13 21.34 -2.38
C ILE A 215 4.72 21.29 -3.77
N GLY A 216 4.04 21.93 -4.72
CA GLY A 216 4.56 22.01 -6.08
C GLY A 216 5.88 22.74 -6.15
N VAL A 217 6.80 22.23 -6.96
CA VAL A 217 8.09 22.89 -7.20
C VAL A 217 7.88 24.24 -7.91
N LYS A 218 7.07 24.25 -8.96
CA LYS A 218 6.78 25.49 -9.69
C LYS A 218 5.63 26.23 -9.02
N THR A 219 4.56 25.50 -8.70
CA THR A 219 3.30 26.17 -8.33
C THR A 219 3.22 26.52 -6.87
N GLY A 220 4.03 25.89 -6.03
CA GLY A 220 3.91 26.04 -4.58
C GLY A 220 2.59 25.54 -4.00
N ALA A 221 1.76 24.90 -4.82
CA ALA A 221 0.44 24.44 -4.39
C ALA A 221 0.55 23.21 -3.49
N PRO A 222 -0.35 23.07 -2.49
CA PRO A 222 -0.31 21.84 -1.68
C PRO A 222 -0.48 20.62 -2.57
N VAL A 223 0.34 19.60 -2.34
CA VAL A 223 0.24 18.30 -3.02
C VAL A 223 -0.40 17.35 -2.01
N TYR A 224 -1.59 16.86 -2.32
CA TYR A 224 -2.31 16.01 -1.39
C TYR A 224 -2.10 14.53 -1.63
N SER A 225 -2.34 13.77 -0.58
CA SER A 225 -2.34 12.32 -0.65
C SER A 225 -3.53 11.80 0.15
N THR A 226 -3.60 10.47 0.33
CA THR A 226 -4.76 9.85 0.96
C THR A 226 -4.30 8.71 1.86
N PHE A 227 -4.97 8.58 3.00
CA PHE A 227 -4.93 7.39 3.84
C PHE A 227 -6.25 6.66 3.67
N TYR A 228 -6.20 5.35 3.50
CA TYR A 228 -7.40 4.54 3.43
C TYR A 228 -7.53 3.61 4.62
N ILE A 229 -8.70 3.67 5.27
CA ILE A 229 -9.06 2.65 6.25
C ILE A 229 -9.94 1.61 5.57
N PHE A 230 -9.57 0.34 5.71
CA PHE A 230 -10.44 -0.76 5.29
C PHE A 230 -10.92 -1.49 6.54
N ARG A 231 -12.24 -1.61 6.68
CA ARG A 231 -12.83 -2.25 7.85
C ARG A 231 -13.66 -3.44 7.44
N ASP A 232 -13.33 -4.61 7.99
CA ASP A 232 -14.17 -5.79 7.81
C ASP A 232 -15.39 -5.64 8.71
N ARG A 233 -16.58 -5.60 8.12
CA ARG A 233 -17.77 -5.31 8.91
C ARG A 233 -18.12 -6.36 9.95
N LYS A 234 -17.86 -7.63 9.65
CA LYS A 234 -18.19 -8.72 10.59
C LYS A 234 -17.31 -8.68 11.84
N SER A 235 -16.00 -8.72 11.64
CA SER A 235 -15.03 -8.77 12.73
C SER A 235 -14.77 -7.42 13.36
N LYS A 236 -15.05 -6.35 12.62
CA LYS A 236 -14.70 -4.97 13.00
C LYS A 236 -13.19 -4.71 12.93
N ASP A 237 -12.41 -5.70 12.47
CA ASP A 237 -10.98 -5.50 12.27
C ASP A 237 -10.71 -4.57 11.09
N CYS A 238 -9.66 -3.75 11.25
CA CYS A 238 -9.29 -2.76 10.26
C CYS A 238 -7.81 -2.81 9.93
N ILE A 239 -7.49 -2.38 8.70
CA ILE A 239 -6.13 -2.02 8.35
C ILE A 239 -6.13 -0.62 7.77
N ILE A 240 -5.00 0.07 7.93
CA ILE A 240 -4.81 1.41 7.38
C ILE A 240 -3.71 1.29 6.34
N VAL A 241 -3.99 1.75 5.13
CA VAL A 241 -3.03 1.67 4.04
C VAL A 241 -2.83 3.09 3.51
N CYS A 242 -1.58 3.57 3.58
CA CYS A 242 -1.30 4.99 3.42
C CYS A 242 -0.63 5.35 2.10
N GLY A 243 -0.99 6.51 1.57
CA GLY A 243 -0.19 7.15 0.55
C GLY A 243 0.95 7.96 1.15
N ASP A 244 1.85 8.44 0.29
CA ASP A 244 3.01 9.25 0.70
C ASP A 244 2.50 10.41 1.56
N VAL A 245 3.28 10.83 2.54
CA VAL A 245 2.80 11.79 3.52
C VAL A 245 3.97 12.48 4.23
N GLU A 246 3.73 13.72 4.62
CA GLU A 246 4.63 14.47 5.51
C GLU A 246 3.85 15.00 6.69
N GLN A 247 4.55 15.35 7.76
CA GLN A 247 3.95 16.01 8.91
C GLN A 247 3.24 17.31 8.50
N ASP A 248 2.14 17.63 9.19
CA ASP A 248 1.46 18.91 8.99
C ASP A 248 2.27 20.08 9.57
N ARG A 249 2.09 21.26 8.98
CA ARG A 249 2.71 22.48 9.51
C ARG A 249 1.71 23.22 10.41
N ARG A 250 2.08 23.32 11.69
CA ARG A 250 1.28 23.93 12.77
C ARG A 250 0.23 24.97 12.37
N GLU A 251 0.68 26.10 11.82
CA GLU A 251 -0.20 27.24 11.58
C GLU A 251 -0.66 27.35 10.12
N SER A 252 0.27 27.11 9.20
CA SER A 252 0.04 27.37 7.77
C SER A 252 -0.98 26.44 7.10
N GLU A 253 -1.38 25.37 7.78
CA GLU A 253 -2.30 24.40 7.19
C GLU A 253 -3.14 23.60 8.18
N GLU A 254 -4.15 22.92 7.64
CA GLU A 254 -5.06 22.06 8.38
C GLU A 254 -4.30 20.89 9.01
N SER A 255 -4.65 20.54 10.24
CA SER A 255 -4.02 19.40 10.94
C SER A 255 -4.69 18.11 10.47
N LEU A 256 -4.45 17.76 9.21
CA LEU A 256 -5.04 16.59 8.59
C LEU A 256 -4.67 15.29 9.29
N LEU A 257 -3.41 15.17 9.71
CA LEU A 257 -2.98 13.98 10.45
C LEU A 257 -3.64 13.88 11.83
N GLU A 258 -3.73 14.99 12.55
CA GLU A 258 -4.44 15.00 13.83
C GLU A 258 -5.90 14.54 13.66
N GLU A 259 -6.57 15.06 12.63
CA GLU A 259 -7.93 14.62 12.29
C GLU A 259 -7.97 13.11 12.07
N PHE A 260 -6.98 12.60 11.32
CA PHE A 260 -6.95 11.18 11.03
C PHE A 260 -6.75 10.32 12.29
N TRP A 261 -5.72 10.64 13.07
CA TRP A 261 -5.45 9.83 14.26
C TRP A 261 -6.56 9.92 15.27
N SER A 262 -7.19 11.09 15.36
CA SER A 262 -8.35 11.27 16.25
C SER A 262 -9.49 10.36 15.82
N TYR A 263 -9.75 10.29 14.52
CA TYR A 263 -10.79 9.42 13.99
C TYR A 263 -10.50 7.96 14.30
N VAL A 264 -9.26 7.54 14.09
CA VAL A 264 -8.84 6.17 14.37
C VAL A 264 -9.04 5.83 15.85
N ALA A 265 -8.53 6.69 16.74
CA ALA A 265 -8.63 6.42 18.18
C ALA A 265 -10.08 6.42 18.66
N GLU A 266 -10.92 7.27 18.07
CA GLU A 266 -12.33 7.33 18.46
C GLU A 266 -13.11 6.10 17.99
N ASN A 267 -12.80 5.62 16.78
CA ASN A 267 -13.67 4.68 16.10
C ASN A 267 -13.17 3.25 15.98
N ILE A 268 -11.88 3.06 16.16
CA ILE A 268 -11.26 1.76 15.98
C ILE A 268 -10.44 1.40 17.22
N PRO A 269 -10.97 0.53 18.09
CA PRO A 269 -10.16 0.11 19.23
C PRO A 269 -8.83 -0.51 18.77
N LEU A 270 -7.77 -0.28 19.52
CA LEU A 270 -6.44 -0.73 19.10
C LEU A 270 -6.41 -2.24 18.77
N VAL A 271 -7.13 -3.03 19.56
CA VAL A 271 -7.18 -4.48 19.32
C VAL A 271 -7.74 -4.83 17.93
N HIS A 272 -8.57 -3.95 17.38
CA HIS A 272 -9.11 -4.11 16.01
C HIS A 272 -8.25 -3.53 14.93
N LEU A 273 -7.21 -2.78 15.29
CA LEU A 273 -6.31 -2.20 14.29
C LEU A 273 -5.20 -3.21 14.01
N LYS A 274 -5.32 -3.92 12.89
CA LYS A 274 -4.46 -5.08 12.63
C LYS A 274 -3.16 -4.72 11.94
N GLY A 275 -3.06 -3.50 11.44
CA GLY A 275 -1.84 -3.08 10.78
C GLY A 275 -2.00 -1.70 10.19
N ILE A 276 -0.88 -0.98 10.15
CA ILE A 276 -0.78 0.26 9.39
C ILE A 276 0.38 0.14 8.43
N LEU A 277 0.10 0.34 7.14
CA LEU A 277 1.11 0.38 6.09
C LEU A 277 1.41 1.83 5.78
N VAL A 278 2.58 2.31 6.22
CA VAL A 278 2.86 3.72 6.18
C VAL A 278 4.32 3.93 5.79
N GLU A 279 4.60 5.01 5.06
CA GLU A 279 5.94 5.22 4.59
C GLU A 279 6.94 5.62 5.67
N CYS A 280 8.21 5.29 5.40
CA CYS A 280 9.31 6.03 5.97
C CYS A 280 10.35 6.09 4.86
N SER A 281 10.23 7.10 4.00
CA SER A 281 11.04 7.12 2.79
C SER A 281 12.53 7.22 3.05
N CYS A 282 12.89 7.95 4.11
CA CYS A 282 14.27 8.32 4.35
C CYS A 282 14.71 7.97 5.77
N PRO A 283 16.02 7.68 5.95
CA PRO A 283 16.59 7.54 7.28
C PRO A 283 16.77 8.90 7.94
N LEU A 284 17.23 8.90 9.19
CA LEU A 284 17.47 10.15 9.91
C LEU A 284 18.49 11.07 9.26
N SER A 285 19.47 10.50 8.57
CA SER A 285 20.52 11.30 7.91
C SER A 285 19.88 12.28 6.94
N SER A 286 20.09 13.58 7.21
CA SER A 286 19.34 14.70 6.60
C SER A 286 18.89 14.52 5.14
N LYS A 287 19.67 15.06 4.20
CA LYS A 287 19.33 15.10 2.77
C LYS A 287 17.93 15.67 2.50
N PRO A 288 17.76 17.00 2.61
CA PRO A 288 16.45 17.66 2.50
C PRO A 288 15.74 17.37 1.17
N GLU A 289 16.50 17.34 0.08
CA GLU A 289 15.98 17.12 -1.28
C GLU A 289 15.21 15.81 -1.43
N GLN A 290 15.65 14.78 -0.70
CA GLN A 290 15.01 13.46 -0.76
C GLN A 290 13.86 13.34 0.23
N LEU A 291 13.87 14.16 1.28
CA LEU A 291 12.87 14.09 2.33
C LEU A 291 11.60 14.90 2.08
N TYR A 292 11.69 15.95 1.26
CA TYR A 292 10.52 16.80 0.97
C TYR A 292 9.28 15.97 0.61
N GLY A 293 8.20 16.22 1.33
CA GLY A 293 6.92 15.54 1.12
C GLY A 293 6.81 14.16 1.76
N HIS A 294 7.80 13.77 2.55
CA HIS A 294 7.91 12.42 3.09
C HIS A 294 8.21 12.39 4.56
N LEU A 295 8.30 11.18 5.11
CA LEU A 295 8.67 10.97 6.50
C LEU A 295 10.09 10.43 6.65
N SER A 296 10.70 10.77 7.78
CA SER A 296 11.89 10.12 8.29
C SER A 296 11.52 9.49 9.64
N PRO A 297 12.44 8.73 10.26
CA PRO A 297 12.00 8.02 11.46
C PRO A 297 11.49 8.88 12.61
N ILE A 298 12.06 10.07 12.79
CA ILE A 298 11.60 10.95 13.86
C ILE A 298 10.18 11.44 13.58
N TYR A 299 9.88 11.77 12.33
CA TYR A 299 8.55 12.25 11.98
C TYR A 299 7.50 11.13 12.06
N LEU A 300 7.86 9.93 11.61
CA LEU A 300 6.93 8.81 11.71
C LEU A 300 6.67 8.47 13.19
N ILE A 301 7.73 8.38 13.99
CA ILE A 301 7.56 8.11 15.42
C ILE A 301 6.73 9.21 16.10
N ASN A 302 6.91 10.47 15.70
CA ASN A 302 6.09 11.54 16.26
C ASN A 302 4.61 11.34 15.96
N GLU A 303 4.30 10.91 14.73
CA GLU A 303 2.92 10.62 14.37
C GLU A 303 2.34 9.46 15.18
N LEU A 304 3.11 8.39 15.32
CA LEU A 304 2.68 7.25 16.13
C LEU A 304 2.53 7.62 17.60
N SER A 305 3.39 8.52 18.08
CA SER A 305 3.28 9.04 19.44
C SER A 305 1.96 9.80 19.62
N ASN A 306 1.57 10.58 18.61
CA ASN A 306 0.28 11.27 18.64
C ASN A 306 -0.90 10.30 18.71
N LEU A 307 -0.86 9.25 17.90
CA LEU A 307 -1.87 8.21 17.97
C LEU A 307 -1.90 7.57 19.36
N ASN A 308 -0.71 7.29 19.90
CA ASN A 308 -0.58 6.73 21.24
C ASN A 308 -1.24 7.61 22.30
N THR A 309 -0.99 8.91 22.24
CA THR A 309 -1.58 9.85 23.19
C THR A 309 -3.10 9.80 23.10
N LEU A 310 -3.64 9.69 21.89
CA LEU A 310 -5.09 9.66 21.70
C LEU A 310 -5.74 8.38 22.22
N TYR A 311 -5.11 7.24 21.99
CA TYR A 311 -5.60 5.99 22.56
C TYR A 311 -5.51 6.03 24.09
N ASN A 312 -4.47 6.68 24.61
CA ASN A 312 -4.36 7.00 26.03
C ASN A 312 -4.32 5.78 26.95
N SER A 313 -3.55 4.77 26.55
CA SER A 313 -3.34 3.57 27.35
C SER A 313 -1.93 3.51 27.93
N SER A 314 -1.82 3.01 29.15
CA SER A 314 -0.51 2.76 29.75
C SER A 314 0.25 1.64 29.04
N LYS A 315 -0.45 0.87 28.20
CA LYS A 315 0.16 -0.20 27.41
C LYS A 315 0.75 0.33 26.09
N GLY A 316 0.62 1.64 25.86
CA GLY A 316 1.12 2.25 24.63
C GLY A 316 0.43 1.67 23.41
N LEU A 317 1.22 1.40 22.37
CA LEU A 317 0.71 0.80 21.14
C LEU A 317 1.01 -0.70 21.10
N SER A 318 1.03 -1.34 22.26
CA SER A 318 1.37 -2.76 22.35
C SER A 318 0.51 -3.59 21.42
N GLY A 319 1.15 -4.41 20.61
CA GLY A 319 0.46 -5.30 19.68
C GLY A 319 0.25 -4.73 18.28
N LEU A 320 0.45 -3.42 18.11
CA LEU A 320 0.26 -2.81 16.79
C LEU A 320 1.36 -3.19 15.81
N ASN A 321 0.96 -3.66 14.63
CA ASN A 321 1.89 -3.88 13.52
C ASN A 321 2.01 -2.65 12.63
N VAL A 322 3.21 -2.11 12.59
CA VAL A 322 3.54 -1.02 11.66
C VAL A 322 4.41 -1.60 10.56
N ILE A 323 3.89 -1.51 9.34
CA ILE A 323 4.54 -2.05 8.15
C ILE A 323 5.04 -0.85 7.35
N VAL A 324 6.36 -0.70 7.28
CA VAL A 324 6.98 0.49 6.70
C VAL A 324 7.15 0.31 5.20
N THR A 325 6.65 1.27 4.44
CA THR A 325 6.63 1.20 2.98
C THR A 325 7.44 2.32 2.36
N HIS A 326 7.62 2.24 1.05
CA HIS A 326 8.09 3.38 0.25
C HIS A 326 9.46 3.85 0.64
N VAL A 327 10.32 2.93 1.08
CA VAL A 327 11.69 3.31 1.39
C VAL A 327 12.44 3.58 0.08
N LYS A 328 13.13 4.71 0.04
CA LYS A 328 13.88 5.10 -1.15
C LYS A 328 15.26 4.49 -1.19
N SER A 329 15.77 4.23 -2.39
CA SER A 329 17.21 3.93 -2.53
C SER A 329 18.02 5.16 -2.19
N THR A 330 19.27 4.93 -1.82
CA THR A 330 20.20 6.00 -1.55
C THR A 330 21.57 5.41 -1.82
N PRO A 331 22.53 6.23 -2.26
CA PRO A 331 23.87 5.69 -2.51
C PRO A 331 24.70 5.55 -1.23
N ALA A 332 24.17 4.77 -0.28
CA ALA A 332 24.74 4.57 1.03
C ALA A 332 25.38 3.19 1.14
N LYS A 333 26.20 3.00 2.17
CA LYS A 333 26.87 1.72 2.36
C LYS A 333 25.89 0.63 2.80
N ARG A 334 24.89 1.02 3.60
CA ARG A 334 23.95 0.06 4.19
C ARG A 334 22.55 0.27 3.64
N ASP A 335 21.84 -0.84 3.46
CA ASP A 335 20.46 -0.84 3.00
C ASP A 335 19.63 0.09 3.90
N PRO A 336 19.02 1.14 3.32
CA PRO A 336 18.31 2.09 4.16
C PRO A 336 17.09 1.47 4.86
N ARG A 337 16.57 0.37 4.34
CA ARG A 337 15.47 -0.30 5.03
C ARG A 337 15.94 -0.81 6.40
N LEU A 338 17.18 -1.30 6.46
CA LEU A 338 17.74 -1.78 7.72
C LEU A 338 18.04 -0.61 8.65
N THR A 339 18.63 0.46 8.11
CA THR A 339 18.89 1.66 8.90
C THR A 339 17.60 2.22 9.51
N ILE A 340 16.59 2.37 8.67
CA ILE A 340 15.30 2.90 9.09
C ILE A 340 14.63 2.01 10.14
N LEU A 341 14.69 0.69 9.93
CA LEU A 341 14.09 -0.23 10.89
C LEU A 341 14.74 -0.07 12.27
N GLU A 342 16.06 0.01 12.29
CA GLU A 342 16.80 0.17 13.55
C GLU A 342 16.49 1.50 14.21
N GLU A 343 16.43 2.57 13.41
CA GLU A 343 16.13 3.90 13.92
C GLU A 343 14.72 3.99 14.48
N LEU A 344 13.76 3.40 13.77
CA LEU A 344 12.38 3.39 14.24
C LEU A 344 12.24 2.61 15.56
N ARG A 345 12.87 1.45 15.63
CA ARG A 345 12.79 0.63 16.84
C ARG A 345 13.44 1.34 18.03
N PHE A 346 14.57 2.00 17.78
CA PHE A 346 15.27 2.75 18.82
C PHE A 346 14.39 3.90 19.33
N LEU A 347 13.81 4.67 18.40
CA LEU A 347 13.00 5.82 18.77
C LEU A 347 11.70 5.41 19.46
N ALA A 348 11.12 4.29 19.04
CA ALA A 348 9.92 3.76 19.68
C ALA A 348 10.22 3.38 21.15
N GLU A 349 11.35 2.73 21.37
CA GLU A 349 11.80 2.35 22.72
C GLU A 349 12.05 3.58 23.59
N GLU A 350 12.71 4.59 23.00
CA GLU A 350 13.02 5.85 23.69
C GLU A 350 11.74 6.60 24.08
N ARG A 351 10.73 6.52 23.21
CA ARG A 351 9.43 7.17 23.42
C ARG A 351 8.44 6.30 24.20
N ASN A 352 8.89 5.13 24.65
CA ASN A 352 8.05 4.18 25.41
C ASN A 352 6.68 3.93 24.76
N LEU A 353 6.70 3.45 23.51
CA LEU A 353 5.46 3.17 22.79
C LEU A 353 4.94 1.74 23.02
N GLY A 354 5.59 1.01 23.92
CA GLY A 354 5.16 -0.34 24.24
C GLY A 354 5.57 -1.37 23.21
N ASP A 355 4.82 -2.47 23.16
CA ASP A 355 5.13 -3.62 22.34
C ASP A 355 4.70 -3.39 20.89
N LEU A 356 5.25 -2.33 20.30
CA LEU A 356 5.03 -1.96 18.92
C LEU A 356 5.87 -2.87 18.02
N ARG A 357 5.27 -3.41 16.97
CA ARG A 357 5.94 -4.38 16.11
C ARG A 357 6.15 -3.77 14.73
N ILE A 358 7.41 -3.47 14.42
CA ILE A 358 7.77 -2.74 13.21
C ILE A 358 8.46 -3.67 12.24
N SER A 359 7.97 -3.68 11.00
CA SER A 359 8.52 -4.48 9.92
C SER A 359 8.61 -3.62 8.68
N ILE A 360 9.55 -3.94 7.80
CA ILE A 360 9.60 -3.31 6.47
C ILE A 360 8.77 -4.17 5.52
N ALA A 361 7.95 -3.51 4.69
CA ALA A 361 7.21 -4.20 3.62
C ALA A 361 8.16 -4.76 2.58
N LEU A 362 8.00 -6.05 2.27
CA LEU A 362 8.85 -6.74 1.31
C LEU A 362 8.05 -7.25 0.13
N GLU A 363 8.42 -6.77 -1.06
CA GLU A 363 7.79 -7.20 -2.29
C GLU A 363 7.83 -8.71 -2.42
N GLY A 364 6.81 -9.27 -3.05
CA GLY A 364 6.79 -10.70 -3.33
C GLY A 364 6.38 -11.53 -2.12
N HIS A 365 5.77 -10.89 -1.12
CA HIS A 365 5.32 -11.56 0.10
C HIS A 365 3.91 -11.19 0.42
N THR A 366 3.23 -12.06 1.17
CA THR A 366 1.89 -11.83 1.66
C THR A 366 1.92 -11.74 3.18
N LEU A 367 1.23 -10.73 3.72
CA LEU A 367 1.05 -10.56 5.16
C LEU A 367 -0.34 -11.03 5.53
N PHE A 368 -0.46 -11.62 6.72
CA PHE A 368 -1.72 -12.15 7.21
C PHE A 368 -1.97 -11.43 8.53
N LEU A 369 -2.95 -10.53 8.53
CA LEU A 369 -3.18 -9.64 9.66
C LEU A 369 -4.62 -9.67 10.17
S SO4 B . 7.71 10.55 -4.35
O1 SO4 B . 7.74 10.50 -5.84
O2 SO4 B . 9.00 11.09 -3.85
O3 SO4 B . 6.56 11.40 -3.88
O4 SO4 B . 7.55 9.15 -3.88
C1 MPD C . 14.68 0.39 -2.76
C2 MPD C . 15.87 -0.13 -1.93
O2 MPD C . 17.10 0.29 -2.53
CM MPD C . 15.79 0.48 -0.53
C3 MPD C . 15.79 -1.67 -1.82
C4 MPD C . 16.08 -2.38 -3.15
O4 MPD C . 17.44 -2.17 -3.50
C5 MPD C . 15.84 -3.89 -3.05
ZN ZN D . 4.40 10.91 -4.15
ZN ZN E . 5.63 7.82 -3.99
#